data_4ZSJ
#
_entry.id   4ZSJ
#
_cell.length_a   93.040
_cell.length_b   93.040
_cell.length_c   110.610
_cell.angle_alpha   90.00
_cell.angle_beta   90.00
_cell.angle_gamma   90.00
#
_symmetry.space_group_name_H-M   'P 41 21 2'
#
loop_
_entity.id
_entity.type
_entity.pdbx_description
1 polymer 'Mitogen-activated protein kinase 7'
2 non-polymer GLYCEROL
3 non-polymer 3-amino-5-[(4-chloro-3-methylphenyl)amino]-N-(propan-2-yl)-1H-1,2,4-triazole-1-carboxamide
4 water water
#
_entity_poly.entity_id   1
_entity_poly.type   'polypeptide(L)'
_entity_poly.pdbx_seq_one_letter_code
;DVGDEYEIIETIGNGAYGVVSSARRRLTGQQVAIKKIPNAFDVVTNAKRTLRELKILKHFKHDNIIAIKDILRPTVPYGE
FKSVYVVLDLMESDLHQIIHSSQPLTLEHVRYFLYQLLRGLKYMHSAQVIHRDLKPSNLLVNENCELKIGDFGMARGLCT
SPAEHQYFMTEYVATRWYRAPELMLSLHEYTQAIDLWSVGCIFGEMLARRQLFPGKNYVHQLQLIMMVLGTPSPAVIQAV
GAERVRAYIQSLPPRQPVPWETVYPGADRQALSLLGRMLRFEPSARISAAAALRHPFLAKYHDPDDEPDCAPPFDFAFDR
EALTRERIKEAIVAEIEDFHARRE
;
_entity_poly.pdbx_strand_id   A
#
# COMPACT_ATOMS: atom_id res chain seq x y z
N ASP A 1 -24.67 -7.76 15.53
CA ASP A 1 -24.75 -6.62 16.43
C ASP A 1 -23.62 -5.61 16.17
N VAL A 2 -23.97 -4.30 16.15
CA VAL A 2 -23.02 -3.19 15.96
C VAL A 2 -23.20 -2.13 17.10
N GLY A 3 -23.01 -2.61 18.34
CA GLY A 3 -23.07 -1.85 19.58
C GLY A 3 -24.25 -0.93 19.86
N ASP A 4 -25.32 -0.98 19.01
CA ASP A 4 -26.55 -0.15 19.09
C ASP A 4 -26.28 1.38 18.92
N GLU A 5 -24.99 1.75 18.78
CA GLU A 5 -24.46 3.11 18.55
C GLU A 5 -24.51 3.45 17.04
N TYR A 6 -24.59 2.41 16.17
CA TYR A 6 -24.62 2.54 14.71
C TYR A 6 -25.88 2.00 14.06
N GLU A 7 -26.18 2.51 12.85
CA GLU A 7 -27.30 2.17 12.00
C GLU A 7 -26.71 1.69 10.68
N ILE A 8 -26.96 0.42 10.31
CA ILE A 8 -26.43 -0.13 9.05
C ILE A 8 -27.31 0.28 7.86
N ILE A 9 -26.70 0.90 6.81
CA ILE A 9 -27.39 1.29 5.59
C ILE A 9 -27.31 0.10 4.60
N GLU A 10 -26.15 -0.09 3.93
CA GLU A 10 -26.00 -1.18 2.97
C GLU A 10 -24.59 -1.77 2.88
N THR A 11 -24.50 -2.99 2.31
CA THR A 11 -23.27 -3.72 2.09
C THR A 11 -22.60 -3.18 0.84
N ILE A 12 -21.46 -2.52 1.01
CA ILE A 12 -20.70 -1.95 -0.11
C ILE A 12 -19.36 -2.66 -0.33
N GLY A 13 -18.78 -2.42 -1.49
CA GLY A 13 -17.48 -2.92 -1.88
C GLY A 13 -16.41 -1.92 -1.48
N ASN A 14 -15.24 -2.44 -1.17
CA ASN A 14 -14.07 -1.65 -0.78
C ASN A 14 -12.83 -2.23 -1.47
N GLY A 15 -12.08 -1.35 -2.13
CA GLY A 15 -10.87 -1.71 -2.85
C GLY A 15 -9.78 -2.25 -1.95
N ALA A 16 -9.66 -1.70 -0.74
CA ALA A 16 -8.65 -2.12 0.23
C ALA A 16 -9.10 -3.30 1.11
N TYR A 17 -10.38 -3.35 1.53
CA TYR A 17 -10.85 -4.37 2.49
C TYR A 17 -12.06 -5.23 2.03
N GLY A 18 -12.21 -5.41 0.72
CA GLY A 18 -13.23 -6.26 0.12
C GLY A 18 -14.67 -5.84 0.31
N VAL A 19 -15.36 -6.42 1.30
CA VAL A 19 -16.78 -6.15 1.56
C VAL A 19 -16.97 -5.60 2.99
N VAL A 20 -17.63 -4.42 3.07
CA VAL A 20 -17.83 -3.59 4.25
C VAL A 20 -19.29 -3.11 4.26
N SER A 21 -19.75 -2.54 5.38
CA SER A 21 -21.08 -1.97 5.48
C SER A 21 -21.03 -0.44 5.65
N SER A 22 -21.82 0.28 4.84
CA SER A 22 -21.99 1.74 4.97
C SER A 22 -22.97 1.88 6.12
N ALA A 23 -22.63 2.73 7.08
CA ALA A 23 -23.42 2.92 8.30
C ALA A 23 -23.36 4.38 8.76
N ARG A 24 -24.02 4.69 9.89
CA ARG A 24 -24.04 6.04 10.47
C ARG A 24 -24.10 6.00 12.00
N ARG A 25 -23.31 6.89 12.67
CA ARG A 25 -23.30 7.02 14.14
C ARG A 25 -24.67 7.59 14.52
N ARG A 26 -25.53 6.77 15.17
CA ARG A 26 -26.93 7.09 15.53
C ARG A 26 -27.11 8.41 16.30
N LEU A 27 -26.11 8.84 17.07
CA LEU A 27 -26.17 10.08 17.83
C LEU A 27 -25.95 11.36 16.99
N THR A 28 -24.97 11.33 16.07
CA THR A 28 -24.55 12.47 15.25
C THR A 28 -25.01 12.48 13.78
N GLY A 29 -25.31 11.31 13.23
CA GLY A 29 -25.69 11.16 11.84
C GLY A 29 -24.49 11.10 10.89
N GLN A 30 -23.27 11.00 11.48
CA GLN A 30 -22.00 10.92 10.75
C GLN A 30 -21.90 9.58 10.04
N GLN A 31 -21.74 9.62 8.70
CA GLN A 31 -21.59 8.43 7.84
C GLN A 31 -20.19 7.78 8.03
N VAL A 32 -20.19 6.44 8.25
CA VAL A 32 -18.98 5.63 8.49
C VAL A 32 -19.00 4.33 7.68
N ALA A 33 -17.85 3.63 7.64
CA ALA A 33 -17.74 2.30 7.03
C ALA A 33 -17.50 1.34 8.21
N ILE A 34 -18.15 0.18 8.22
CA ILE A 34 -17.95 -0.80 9.28
C ILE A 34 -17.46 -2.10 8.67
N LYS A 35 -16.17 -2.43 8.95
CA LYS A 35 -15.54 -3.67 8.54
C LYS A 35 -15.76 -4.75 9.63
N LYS A 36 -16.31 -5.89 9.25
CA LYS A 36 -16.45 -7.06 10.11
C LYS A 36 -15.35 -8.06 9.69
N ILE A 37 -14.55 -8.52 10.67
CA ILE A 37 -13.49 -9.51 10.43
C ILE A 37 -14.04 -10.74 11.09
N PRO A 38 -14.74 -11.59 10.31
CA PRO A 38 -15.41 -12.75 10.92
C PRO A 38 -14.42 -13.83 11.29
N ASN A 39 -14.71 -14.58 12.39
CA ASN A 39 -13.86 -15.66 12.89
C ASN A 39 -12.39 -15.25 12.86
N ALA A 40 -12.11 -14.05 13.38
CA ALA A 40 -10.85 -13.32 13.36
C ALA A 40 -9.66 -14.04 13.97
N PHE A 41 -9.91 -14.97 14.90
CA PHE A 41 -8.87 -15.67 15.65
C PHE A 41 -8.72 -17.18 15.29
N ASP A 42 -9.40 -17.62 14.21
CA ASP A 42 -9.43 -19.00 13.75
C ASP A 42 -8.16 -19.54 13.13
N VAL A 43 -7.40 -18.67 12.41
CA VAL A 43 -6.17 -19.01 11.66
C VAL A 43 -5.07 -18.08 12.10
N VAL A 44 -3.85 -18.60 12.33
CA VAL A 44 -2.69 -17.82 12.75
C VAL A 44 -2.39 -16.65 11.83
N THR A 45 -2.20 -16.93 10.53
CA THR A 45 -1.82 -15.87 9.60
C THR A 45 -2.88 -14.74 9.51
N ASN A 46 -4.16 -15.07 9.53
CA ASN A 46 -5.23 -14.05 9.52
C ASN A 46 -5.25 -13.22 10.80
N ALA A 47 -5.15 -13.89 11.95
CA ALA A 47 -5.13 -13.27 13.26
C ALA A 47 -3.93 -12.31 13.37
N LYS A 48 -2.71 -12.73 12.95
CA LYS A 48 -1.47 -11.91 12.94
C LYS A 48 -1.68 -10.64 12.10
N ARG A 49 -2.34 -10.80 10.94
CA ARG A 49 -2.61 -9.73 10.00
C ARG A 49 -3.57 -8.67 10.59
N THR A 50 -4.69 -9.07 11.23
CA THR A 50 -5.62 -8.19 11.92
C THR A 50 -4.86 -7.39 13.00
N LEU A 51 -3.98 -8.05 13.77
CA LEU A 51 -3.18 -7.38 14.79
C LEU A 51 -2.24 -6.31 14.20
N ARG A 52 -1.54 -6.67 13.11
N ARG A 52 -1.53 -6.67 13.11
CA ARG A 52 -0.60 -5.84 12.36
CA ARG A 52 -0.60 -5.79 12.38
C ARG A 52 -1.29 -4.56 11.90
C ARG A 52 -1.31 -4.54 11.93
N GLU A 53 -2.43 -4.70 11.20
CA GLU A 53 -3.28 -3.61 10.67
C GLU A 53 -3.78 -2.66 11.76
N LEU A 54 -4.35 -3.21 12.85
CA LEU A 54 -4.79 -2.44 14.01
C LEU A 54 -3.66 -1.62 14.62
N LYS A 55 -2.45 -2.23 14.83
CA LYS A 55 -1.29 -1.52 15.39
C LYS A 55 -0.80 -0.42 14.46
N ILE A 56 -0.70 -0.71 13.15
CA ILE A 56 -0.30 0.26 12.14
C ILE A 56 -1.30 1.46 12.06
N LEU A 57 -2.61 1.19 11.88
CA LEU A 57 -3.60 2.26 11.77
C LEU A 57 -3.79 3.06 13.07
N LYS A 58 -3.43 2.48 14.22
CA LYS A 58 -3.50 3.21 15.50
C LYS A 58 -2.28 4.14 15.62
N HIS A 59 -1.12 3.71 15.13
CA HIS A 59 0.12 4.47 15.17
C HIS A 59 0.03 5.72 14.29
N PHE A 60 -0.68 5.63 13.14
CA PHE A 60 -0.76 6.76 12.21
C PHE A 60 -1.89 7.74 12.49
N LYS A 61 -1.66 9.02 12.19
CA LYS A 61 -2.66 10.08 12.29
C LYS A 61 -2.38 11.01 11.11
N HIS A 62 -2.91 10.66 9.96
CA HIS A 62 -2.63 11.34 8.71
C HIS A 62 -3.84 11.27 7.78
N ASP A 63 -4.20 12.41 7.17
CA ASP A 63 -5.32 12.52 6.23
C ASP A 63 -5.23 11.65 4.97
N ASN A 64 -4.01 11.17 4.63
CA ASN A 64 -3.84 10.34 3.44
C ASN A 64 -3.61 8.88 3.76
N ILE A 65 -3.96 8.49 4.97
CA ILE A 65 -3.88 7.14 5.47
C ILE A 65 -5.19 6.87 6.14
N ILE A 66 -5.75 5.67 5.86
CA ILE A 66 -7.04 5.25 6.41
C ILE A 66 -6.97 5.20 7.96
N ALA A 67 -7.97 5.79 8.63
CA ALA A 67 -8.06 5.90 10.09
C ALA A 67 -9.10 4.95 10.67
N ILE A 68 -8.86 4.52 11.92
CA ILE A 68 -9.80 3.73 12.70
C ILE A 68 -10.59 4.80 13.48
N LYS A 69 -11.87 4.96 13.16
CA LYS A 69 -12.74 5.94 13.83
C LYS A 69 -13.19 5.40 15.18
N ASP A 70 -13.35 4.07 15.26
CA ASP A 70 -13.80 3.29 16.41
C ASP A 70 -13.56 1.80 16.14
N ILE A 71 -13.43 0.99 17.20
CA ILE A 71 -13.36 -0.48 17.19
C ILE A 71 -14.43 -0.92 18.18
N LEU A 72 -15.35 -1.80 17.78
CA LEU A 72 -16.38 -2.24 18.72
C LEU A 72 -15.82 -3.14 19.83
N ARG A 73 -16.25 -2.88 21.08
CA ARG A 73 -15.85 -3.62 22.26
C ARG A 73 -16.59 -4.95 22.31
N PRO A 74 -15.97 -6.05 22.84
CA PRO A 74 -16.73 -7.31 23.03
C PRO A 74 -17.97 -7.08 23.90
N THR A 75 -19.14 -7.55 23.43
CA THR A 75 -20.44 -7.43 24.11
C THR A 75 -20.75 -8.74 24.87
N VAL A 76 -20.26 -9.88 24.31
CA VAL A 76 -20.36 -11.24 24.84
C VAL A 76 -19.14 -11.60 25.73
N PRO A 77 -19.19 -12.70 26.56
CA PRO A 77 -17.97 -13.10 27.30
C PRO A 77 -16.77 -13.39 26.35
N TYR A 78 -15.53 -13.13 26.84
CA TYR A 78 -14.24 -13.32 26.14
C TYR A 78 -14.19 -14.53 25.21
N GLY A 79 -14.54 -15.71 25.75
CA GLY A 79 -14.52 -16.98 25.02
C GLY A 79 -15.42 -17.01 23.81
N GLU A 80 -16.51 -16.22 23.83
CA GLU A 80 -17.46 -16.14 22.72
C GLU A 80 -17.11 -15.03 21.70
N PHE A 81 -16.14 -14.16 22.03
CA PHE A 81 -15.73 -13.07 21.13
C PHE A 81 -14.93 -13.67 19.94
N LYS A 82 -15.53 -13.69 18.74
CA LYS A 82 -14.97 -14.31 17.53
C LYS A 82 -14.81 -13.35 16.37
N SER A 83 -15.57 -12.25 16.37
CA SER A 83 -15.56 -11.32 15.25
C SER A 83 -15.27 -9.92 15.66
N VAL A 84 -14.39 -9.29 14.93
CA VAL A 84 -13.99 -7.93 15.23
C VAL A 84 -14.75 -6.97 14.29
N TYR A 85 -15.25 -5.83 14.82
CA TYR A 85 -15.90 -4.82 14.02
C TYR A 85 -15.13 -3.53 14.09
N VAL A 86 -14.61 -3.08 12.94
CA VAL A 86 -13.81 -1.85 12.84
C VAL A 86 -14.60 -0.76 12.12
N VAL A 87 -14.64 0.46 12.69
CA VAL A 87 -15.32 1.63 12.11
C VAL A 87 -14.24 2.48 11.40
N LEU A 88 -14.36 2.60 10.08
CA LEU A 88 -13.43 3.34 9.25
C LEU A 88 -14.10 4.55 8.60
N ASP A 89 -13.32 5.40 7.89
CA ASP A 89 -13.90 6.53 7.13
C ASP A 89 -14.68 5.89 5.98
N LEU A 90 -15.81 6.48 5.59
CA LEU A 90 -16.57 5.96 4.45
C LEU A 90 -15.92 6.46 3.15
N MET A 91 -15.33 5.54 2.40
CA MET A 91 -14.66 5.84 1.13
C MET A 91 -15.47 5.21 0.03
N GLU A 92 -16.12 6.04 -0.76
CA GLU A 92 -17.02 5.58 -1.79
C GLU A 92 -16.38 4.86 -3.00
N SER A 93 -15.14 5.22 -3.38
N SER A 93 -15.14 5.23 -3.39
CA SER A 93 -14.44 4.62 -4.51
CA SER A 93 -14.44 4.62 -4.53
C SER A 93 -12.94 4.38 -4.23
C SER A 93 -12.94 4.37 -4.23
N ASP A 94 -12.15 4.16 -5.29
CA ASP A 94 -10.73 3.95 -5.23
C ASP A 94 -10.15 4.36 -6.57
N LEU A 95 -8.82 4.49 -6.63
CA LEU A 95 -8.12 4.90 -7.81
C LEU A 95 -8.28 3.91 -9.00
N HIS A 96 -8.47 2.59 -8.72
CA HIS A 96 -8.71 1.60 -9.77
C HIS A 96 -9.99 1.91 -10.52
N GLN A 97 -11.06 2.12 -9.76
CA GLN A 97 -12.39 2.45 -10.26
C GLN A 97 -12.41 3.76 -11.02
N ILE A 98 -11.66 4.78 -10.58
CA ILE A 98 -11.58 6.10 -11.22
C ILE A 98 -10.78 6.00 -12.53
N ILE A 99 -9.53 5.45 -12.51
CA ILE A 99 -8.68 5.29 -13.70
C ILE A 99 -9.45 4.54 -14.79
N HIS A 100 -10.00 3.36 -14.43
CA HIS A 100 -10.69 2.42 -15.31
C HIS A 100 -12.21 2.66 -15.37
N SER A 101 -12.61 3.86 -15.79
CA SER A 101 -14.02 4.23 -15.89
C SER A 101 -14.22 5.33 -16.93
N SER A 102 -15.47 5.78 -17.15
CA SER A 102 -15.77 6.88 -18.07
C SER A 102 -15.69 8.25 -17.37
N GLN A 103 -15.12 8.29 -16.18
CA GLN A 103 -14.94 9.48 -15.36
C GLN A 103 -13.81 10.35 -15.91
N PRO A 104 -13.80 11.68 -15.65
CA PRO A 104 -12.63 12.48 -16.08
C PRO A 104 -11.37 12.11 -15.29
N LEU A 105 -10.22 12.24 -15.93
CA LEU A 105 -8.89 12.02 -15.34
C LEU A 105 -7.87 12.79 -16.18
N THR A 106 -7.83 14.09 -15.96
CA THR A 106 -6.92 15.00 -16.63
C THR A 106 -5.53 14.93 -15.94
N LEU A 107 -4.51 15.60 -16.52
CA LEU A 107 -3.17 15.70 -15.93
C LEU A 107 -3.27 16.32 -14.50
N GLU A 108 -4.22 17.25 -14.30
CA GLU A 108 -4.50 17.84 -13.00
C GLU A 108 -5.04 16.81 -11.98
N HIS A 109 -5.85 15.83 -12.45
CA HIS A 109 -6.35 14.75 -11.58
C HIS A 109 -5.18 13.92 -11.13
N VAL A 110 -4.29 13.53 -12.08
CA VAL A 110 -3.07 12.75 -11.91
C VAL A 110 -2.13 13.43 -10.92
N ARG A 111 -1.83 14.72 -11.15
CA ARG A 111 -0.98 15.55 -10.31
C ARG A 111 -1.48 15.55 -8.86
N TYR A 112 -2.81 15.79 -8.66
CA TYR A 112 -3.41 15.82 -7.33
C TYR A 112 -3.48 14.44 -6.66
N PHE A 113 -3.79 13.38 -7.42
CA PHE A 113 -3.80 12.05 -6.81
C PHE A 113 -2.41 11.59 -6.39
N LEU A 114 -1.38 11.84 -7.23
CA LEU A 114 0.02 11.49 -6.94
C LEU A 114 0.50 12.28 -5.74
N TYR A 115 0.15 13.58 -5.68
CA TYR A 115 0.51 14.41 -4.55
C TYR A 115 0.05 13.81 -3.21
N GLN A 116 -1.23 13.42 -3.10
CA GLN A 116 -1.82 12.82 -1.89
C GLN A 116 -1.18 11.49 -1.52
N LEU A 117 -0.89 10.66 -2.54
CA LEU A 117 -0.20 9.40 -2.36
C LEU A 117 1.17 9.62 -1.73
N LEU A 118 2.00 10.51 -2.33
CA LEU A 118 3.37 10.81 -1.87
C LEU A 118 3.39 11.51 -0.50
N ARG A 119 2.38 12.34 -0.21
CA ARG A 119 2.22 13.01 1.09
C ARG A 119 2.05 11.92 2.18
N GLY A 120 1.08 11.01 1.99
CA GLY A 120 0.85 9.89 2.91
C GLY A 120 2.07 8.97 3.05
N LEU A 121 2.82 8.76 1.97
CA LEU A 121 4.02 7.93 1.96
C LEU A 121 5.21 8.55 2.66
N LYS A 122 5.43 9.85 2.50
CA LYS A 122 6.56 10.52 3.17
C LYS A 122 6.43 10.25 4.68
N TYR A 123 5.21 10.40 5.19
CA TYR A 123 4.84 10.19 6.59
C TYR A 123 5.02 8.74 7.01
N MET A 124 4.45 7.79 6.25
N MET A 124 4.46 7.81 6.24
CA MET A 124 4.56 6.35 6.49
CA MET A 124 4.51 6.36 6.42
C MET A 124 6.04 5.91 6.52
C MET A 124 5.98 5.82 6.42
N HIS A 125 6.80 6.27 5.47
CA HIS A 125 8.22 5.93 5.33
C HIS A 125 9.13 6.45 6.43
N SER A 126 8.85 7.62 7.01
CA SER A 126 9.64 8.19 8.11
C SER A 126 9.42 7.40 9.42
N ALA A 127 8.34 6.59 9.48
CA ALA A 127 7.98 5.73 10.61
C ALA A 127 8.58 4.34 10.35
N GLN A 128 9.34 4.20 9.24
CA GLN A 128 10.01 2.97 8.81
C GLN A 128 9.02 1.85 8.54
N VAL A 129 7.92 2.21 7.88
CA VAL A 129 6.87 1.30 7.48
C VAL A 129 6.95 1.30 5.95
N ILE A 130 6.90 0.10 5.36
CA ILE A 130 6.89 -0.12 3.92
C ILE A 130 5.55 -0.77 3.66
N HIS A 131 4.71 -0.17 2.81
CA HIS A 131 3.40 -0.73 2.52
C HIS A 131 3.56 -2.09 1.81
N ARG A 132 4.44 -2.14 0.82
CA ARG A 132 4.80 -3.29 0.00
C ARG A 132 3.68 -3.79 -0.88
N ASP A 133 2.52 -3.11 -0.92
CA ASP A 133 1.42 -3.59 -1.77
C ASP A 133 0.57 -2.45 -2.30
N LEU A 134 1.20 -1.33 -2.67
CA LEU A 134 0.47 -0.21 -3.24
C LEU A 134 0.00 -0.57 -4.62
N LYS A 135 -1.27 -0.21 -4.90
CA LYS A 135 -1.89 -0.43 -6.22
C LYS A 135 -3.11 0.45 -6.27
N PRO A 136 -3.67 0.79 -7.46
CA PRO A 136 -4.82 1.72 -7.49
C PRO A 136 -6.00 1.28 -6.62
N SER A 137 -6.29 -0.03 -6.55
CA SER A 137 -7.42 -0.54 -5.76
C SER A 137 -7.31 -0.29 -4.25
N ASN A 138 -6.07 -0.15 -3.74
N ASN A 138 -6.12 -0.16 -3.66
CA ASN A 138 -5.70 0.06 -2.34
CA ASN A 138 -6.14 0.09 -2.21
C ASN A 138 -5.60 1.54 -1.96
C ASN A 138 -5.88 1.58 -1.89
N LEU A 139 -5.91 2.44 -2.92
CA LEU A 139 -5.83 3.90 -2.74
C LEU A 139 -7.26 4.37 -2.79
N LEU A 140 -7.85 4.41 -1.61
CA LEU A 140 -9.25 4.79 -1.44
C LEU A 140 -9.48 6.25 -1.68
N VAL A 141 -10.57 6.58 -2.39
CA VAL A 141 -10.93 7.95 -2.75
C VAL A 141 -12.38 8.21 -2.32
N ASN A 142 -12.64 9.34 -1.66
CA ASN A 142 -13.99 9.65 -1.24
C ASN A 142 -14.64 10.71 -2.13
N GLU A 143 -15.89 11.10 -1.80
CA GLU A 143 -16.63 12.10 -2.56
C GLU A 143 -15.96 13.44 -2.69
N ASN A 144 -15.07 13.79 -1.75
CA ASN A 144 -14.39 15.07 -1.77
C ASN A 144 -12.98 15.00 -2.33
N CYS A 145 -12.69 13.93 -3.07
CA CYS A 145 -11.41 13.70 -3.72
C CYS A 145 -10.22 13.45 -2.76
N GLU A 146 -10.49 13.01 -1.53
N GLU A 146 -10.49 13.03 -1.52
CA GLU A 146 -9.47 12.71 -0.54
CA GLU A 146 -9.43 12.73 -0.56
C GLU A 146 -8.97 11.28 -0.77
C GLU A 146 -8.96 11.30 -0.78
N LEU A 147 -7.68 11.13 -1.11
CA LEU A 147 -7.05 9.82 -1.32
C LEU A 147 -6.48 9.38 0.04
N LYS A 148 -6.73 8.12 0.44
CA LYS A 148 -6.26 7.53 1.68
C LYS A 148 -5.69 6.16 1.40
N ILE A 149 -4.45 5.92 1.77
CA ILE A 149 -3.77 4.63 1.61
C ILE A 149 -4.40 3.66 2.62
N GLY A 150 -4.84 2.50 2.12
CA GLY A 150 -5.42 1.45 2.95
C GLY A 150 -4.68 0.15 2.71
N ASP A 151 -5.08 -0.92 3.45
CA ASP A 151 -4.61 -2.30 3.29
C ASP A 151 -3.13 -2.53 3.62
N PHE A 152 -2.83 -2.57 4.91
CA PHE A 152 -1.47 -2.70 5.43
C PHE A 152 -1.08 -4.13 5.81
N GLY A 153 -1.84 -5.11 5.33
CA GLY A 153 -1.60 -6.53 5.54
C GLY A 153 -0.22 -6.97 5.10
N MET A 154 0.27 -6.44 3.95
N MET A 154 0.28 -6.44 3.96
CA MET A 154 1.63 -6.75 3.44
CA MET A 154 1.64 -6.77 3.44
C MET A 154 2.74 -5.91 4.04
C MET A 154 2.75 -5.92 4.06
N ALA A 155 2.40 -4.84 4.80
CA ALA A 155 3.34 -3.92 5.42
C ALA A 155 4.34 -4.57 6.37
N ARG A 156 5.62 -4.16 6.26
CA ARG A 156 6.74 -4.61 7.09
C ARG A 156 7.69 -3.46 7.31
N GLY A 157 8.61 -3.63 8.27
CA GLY A 157 9.63 -2.64 8.55
C GLY A 157 10.90 -2.95 7.78
N LEU A 158 12.02 -2.33 8.17
CA LEU A 158 13.31 -2.57 7.53
C LEU A 158 13.93 -3.93 7.93
N CYS A 159 13.41 -4.52 9.04
CA CYS A 159 13.79 -5.82 9.61
C CYS A 159 12.56 -6.76 9.69
N THR A 160 12.70 -7.99 9.14
CA THR A 160 11.66 -9.05 9.10
C THR A 160 12.15 -10.39 9.70
N SER A 161 11.20 -11.19 10.23
CA SER A 161 11.50 -12.48 10.83
C SER A 161 11.80 -13.55 9.77
N PRO A 162 12.87 -14.38 9.96
CA PRO A 162 13.15 -15.47 8.99
C PRO A 162 12.14 -16.62 9.09
N ALA A 163 11.30 -16.61 10.15
CA ALA A 163 10.25 -17.59 10.45
C ALA A 163 9.06 -17.52 9.48
N GLU A 164 8.95 -16.43 8.71
CA GLU A 164 7.88 -16.27 7.72
C GLU A 164 8.39 -16.62 6.30
N HIS A 165 7.53 -17.30 5.51
CA HIS A 165 7.87 -17.76 4.16
C HIS A 165 8.32 -16.64 3.17
N GLN A 166 7.67 -15.44 3.20
CA GLN A 166 7.96 -14.30 2.33
C GLN A 166 9.35 -13.69 2.53
N TYR A 167 10.03 -14.03 3.65
CA TYR A 167 11.41 -13.60 3.97
C TYR A 167 12.41 -14.14 2.91
N PHE A 168 12.09 -15.31 2.35
CA PHE A 168 12.88 -15.99 1.33
C PHE A 168 12.20 -15.95 -0.04
N MET A 169 10.86 -15.94 -0.05
CA MET A 169 10.03 -16.00 -1.25
C MET A 169 9.47 -14.63 -1.61
N THR A 170 10.39 -13.67 -1.79
CA THR A 170 10.08 -12.27 -2.05
C THR A 170 9.28 -12.07 -3.33
N GLU A 171 9.39 -13.02 -4.29
CA GLU A 171 8.64 -12.88 -5.53
C GLU A 171 7.15 -13.12 -5.30
N TYR A 172 6.75 -13.62 -4.12
CA TYR A 172 5.33 -13.81 -3.80
C TYR A 172 4.78 -12.67 -2.95
N VAL A 173 5.60 -11.65 -2.69
CA VAL A 173 5.20 -10.51 -1.88
C VAL A 173 4.39 -9.60 -2.74
N ALA A 174 3.14 -9.37 -2.34
CA ALA A 174 2.21 -8.44 -2.98
C ALA A 174 1.68 -8.84 -4.38
N THR A 175 1.39 -7.84 -5.23
CA THR A 175 0.74 -7.93 -6.55
C THR A 175 1.76 -7.82 -7.66
N ARG A 176 1.75 -8.80 -8.60
CA ARG A 176 2.68 -8.94 -9.71
C ARG A 176 2.93 -7.68 -10.52
N TRP A 177 1.86 -7.04 -10.97
CA TRP A 177 1.89 -5.85 -11.82
C TRP A 177 2.57 -4.63 -11.18
N TYR A 178 2.63 -4.57 -9.84
CA TYR A 178 3.22 -3.44 -9.11
C TYR A 178 4.42 -3.85 -8.27
N ARG A 179 4.84 -5.12 -8.37
CA ARG A 179 5.93 -5.70 -7.61
C ARG A 179 7.31 -5.27 -8.08
N ALA A 180 8.06 -4.65 -7.16
CA ALA A 180 9.41 -4.10 -7.32
C ALA A 180 10.42 -5.16 -7.74
N PRO A 181 11.36 -4.80 -8.66
CA PRO A 181 12.38 -5.77 -9.10
C PRO A 181 13.17 -6.45 -7.99
N GLU A 182 13.39 -5.79 -6.86
CA GLU A 182 14.11 -6.38 -5.73
C GLU A 182 13.34 -7.55 -5.10
N LEU A 183 12.00 -7.50 -5.13
CA LEU A 183 11.12 -8.58 -4.65
C LEU A 183 11.02 -9.68 -5.71
N MET A 184 10.85 -9.30 -6.98
CA MET A 184 10.80 -10.23 -8.10
C MET A 184 12.12 -11.01 -8.20
N LEU A 185 13.26 -10.31 -7.98
CA LEU A 185 14.57 -10.91 -8.19
C LEU A 185 15.36 -11.24 -6.93
N SER A 186 14.78 -11.05 -5.70
CA SER A 186 15.46 -11.33 -4.41
C SER A 186 16.85 -10.66 -4.35
N LEU A 187 16.88 -9.32 -4.52
CA LEU A 187 18.12 -8.54 -4.59
C LEU A 187 18.73 -8.16 -3.22
N HIS A 188 18.11 -8.62 -2.11
CA HIS A 188 18.54 -8.37 -0.72
C HIS A 188 18.68 -6.87 -0.37
N GLU A 189 17.80 -6.03 -0.92
CA GLU A 189 17.75 -4.56 -0.67
C GLU A 189 16.25 -4.26 -0.59
N TYR A 190 15.68 -4.36 0.60
CA TYR A 190 14.26 -4.18 0.82
C TYR A 190 13.96 -3.03 1.71
N THR A 191 13.87 -1.84 1.11
CA THR A 191 13.60 -0.57 1.81
C THR A 191 12.26 0.03 1.33
N GLN A 192 12.01 1.31 1.70
CA GLN A 192 10.81 2.05 1.29
C GLN A 192 10.82 2.30 -0.23
N ALA A 193 11.99 2.14 -0.89
CA ALA A 193 12.23 2.16 -2.33
C ALA A 193 11.29 1.18 -3.08
N ILE A 194 10.82 0.09 -2.40
CA ILE A 194 9.84 -0.88 -2.90
C ILE A 194 8.56 -0.13 -3.31
N ASP A 195 8.09 0.76 -2.41
CA ASP A 195 6.87 1.54 -2.61
C ASP A 195 6.95 2.53 -3.75
N LEU A 196 8.15 3.07 -4.00
CA LEU A 196 8.37 4.05 -5.05
C LEU A 196 8.32 3.41 -6.43
N TRP A 197 8.63 2.09 -6.54
CA TRP A 197 8.45 1.37 -7.81
C TRP A 197 6.92 1.29 -8.09
N SER A 198 6.12 0.85 -7.08
CA SER A 198 4.67 0.74 -7.07
C SER A 198 4.03 2.10 -7.39
N VAL A 199 4.51 3.19 -6.80
CA VAL A 199 4.07 4.56 -7.09
C VAL A 199 4.31 4.86 -8.60
N GLY A 200 5.49 4.54 -9.12
CA GLY A 200 5.81 4.72 -10.53
C GLY A 200 4.84 4.02 -11.46
N CYS A 201 4.46 2.79 -11.10
CA CYS A 201 3.50 1.94 -11.80
C CYS A 201 2.09 2.57 -11.79
N ILE A 202 1.63 3.05 -10.61
CA ILE A 202 0.36 3.74 -10.41
C ILE A 202 0.36 5.08 -11.23
N PHE A 203 1.48 5.83 -11.21
CA PHE A 203 1.68 7.10 -11.93
C PHE A 203 1.49 6.88 -13.47
N GLY A 204 2.21 5.88 -14.03
CA GLY A 204 2.12 5.48 -15.43
C GLY A 204 0.69 5.10 -15.81
N GLU A 205 0.04 4.28 -14.96
CA GLU A 205 -1.36 3.83 -15.09
C GLU A 205 -2.33 5.00 -15.12
N MET A 206 -2.08 6.06 -14.31
CA MET A 206 -2.95 7.25 -14.36
C MET A 206 -2.75 8.05 -15.66
N LEU A 207 -1.49 8.15 -16.12
CA LEU A 207 -1.16 8.88 -17.35
C LEU A 207 -1.77 8.25 -18.62
N ALA A 208 -1.84 6.93 -18.69
CA ALA A 208 -2.36 6.26 -19.88
C ALA A 208 -3.73 5.63 -19.68
N ARG A 209 -4.19 5.58 -18.41
CA ARG A 209 -5.42 4.91 -17.99
C ARG A 209 -5.37 3.41 -18.34
N ARG A 210 -4.16 2.82 -18.26
CA ARG A 210 -3.87 1.40 -18.50
C ARG A 210 -2.61 0.98 -17.75
N GLN A 211 -2.62 -0.28 -17.26
CA GLN A 211 -1.49 -0.88 -16.52
C GLN A 211 -0.23 -0.83 -17.39
N LEU A 212 0.89 -0.49 -16.77
CA LEU A 212 2.17 -0.35 -17.42
C LEU A 212 2.81 -1.70 -17.67
N PHE A 213 2.84 -2.58 -16.65
CA PHE A 213 3.46 -3.89 -16.81
C PHE A 213 2.48 -4.97 -16.43
N PRO A 214 1.47 -5.27 -17.29
CA PRO A 214 0.51 -6.34 -16.93
C PRO A 214 0.98 -7.78 -17.31
N GLY A 215 2.09 -8.22 -16.71
CA GLY A 215 2.67 -9.55 -16.96
C GLY A 215 1.70 -10.68 -16.63
N LYS A 216 1.68 -11.72 -17.47
CA LYS A 216 0.78 -12.87 -17.33
C LYS A 216 1.30 -13.90 -16.35
N ASN A 217 2.61 -13.86 -16.05
CA ASN A 217 3.29 -14.78 -15.13
C ASN A 217 4.61 -14.12 -14.77
N TYR A 218 5.43 -14.82 -13.95
CA TYR A 218 6.75 -14.38 -13.47
C TYR A 218 7.71 -13.89 -14.57
N VAL A 219 8.02 -14.75 -15.55
CA VAL A 219 8.97 -14.45 -16.63
C VAL A 219 8.41 -13.34 -17.50
N HIS A 220 7.13 -13.46 -17.88
CA HIS A 220 6.47 -12.46 -18.72
C HIS A 220 6.47 -11.07 -18.07
N GLN A 221 6.28 -11.02 -16.75
CA GLN A 221 6.37 -9.78 -15.98
C GLN A 221 7.75 -9.15 -16.14
N LEU A 222 8.85 -9.94 -15.97
CA LEU A 222 10.25 -9.49 -16.18
C LEU A 222 10.46 -9.04 -17.60
N GLN A 223 9.98 -9.81 -18.59
CA GLN A 223 10.05 -9.44 -20.01
C GLN A 223 9.42 -8.07 -20.23
N LEU A 224 8.25 -7.78 -19.60
CA LEU A 224 7.56 -6.51 -19.75
C LEU A 224 8.36 -5.35 -19.22
N ILE A 225 8.95 -5.49 -18.01
CA ILE A 225 9.79 -4.47 -17.37
C ILE A 225 11.04 -4.26 -18.22
N MET A 226 11.65 -5.34 -18.70
CA MET A 226 12.87 -5.22 -19.50
C MET A 226 12.63 -4.63 -20.90
N MET A 227 11.41 -4.76 -21.46
CA MET A 227 11.04 -4.16 -22.75
C MET A 227 11.09 -2.63 -22.66
N VAL A 228 10.78 -2.07 -21.46
CA VAL A 228 10.82 -0.64 -21.24
C VAL A 228 12.14 -0.21 -20.60
N LEU A 229 12.52 -0.80 -19.48
CA LEU A 229 13.73 -0.41 -18.73
C LEU A 229 15.03 -0.83 -19.37
N GLY A 230 14.96 -1.82 -20.25
CA GLY A 230 16.12 -2.42 -20.91
C GLY A 230 16.67 -3.54 -20.04
N THR A 231 17.79 -4.11 -20.45
CA THR A 231 18.49 -5.17 -19.72
C THR A 231 18.98 -4.63 -18.34
N PRO A 232 18.85 -5.36 -17.20
CA PRO A 232 19.43 -4.82 -15.94
C PRO A 232 20.97 -4.86 -16.02
N SER A 233 21.64 -4.06 -15.19
CA SER A 233 23.10 -3.95 -15.14
C SER A 233 23.73 -5.24 -14.63
N PRO A 234 25.03 -5.51 -14.93
CA PRO A 234 25.67 -6.73 -14.40
C PRO A 234 25.64 -6.84 -12.86
N ALA A 235 25.62 -5.69 -12.15
CA ALA A 235 25.57 -5.67 -10.70
C ALA A 235 24.20 -6.12 -10.21
N VAL A 236 23.13 -5.74 -10.94
CA VAL A 236 21.76 -6.17 -10.62
C VAL A 236 21.68 -7.68 -10.92
N ILE A 237 22.22 -8.11 -12.11
CA ILE A 237 22.26 -9.52 -12.54
C ILE A 237 23.01 -10.41 -11.53
N GLN A 238 24.21 -10.00 -11.05
CA GLN A 238 24.98 -10.76 -10.04
C GLN A 238 24.22 -10.91 -8.70
N ALA A 239 23.40 -9.90 -8.33
CA ALA A 239 22.62 -9.85 -7.10
C ALA A 239 21.36 -10.68 -7.12
N VAL A 240 21.00 -11.27 -8.28
CA VAL A 240 19.83 -12.13 -8.46
C VAL A 240 20.10 -13.47 -7.75
N GLY A 241 19.27 -13.77 -6.75
CA GLY A 241 19.33 -14.96 -5.91
C GLY A 241 19.32 -16.30 -6.64
N ALA A 242 18.30 -16.53 -7.46
CA ALA A 242 18.09 -17.78 -8.19
C ALA A 242 18.89 -17.88 -9.47
N GLU A 243 19.52 -19.04 -9.67
CA GLU A 243 20.37 -19.32 -10.83
C GLU A 243 19.58 -19.37 -12.14
N ARG A 244 18.34 -19.91 -12.12
CA ARG A 244 17.52 -19.98 -13.33
C ARG A 244 17.11 -18.60 -13.82
N VAL A 245 16.75 -17.68 -12.92
CA VAL A 245 16.37 -16.31 -13.32
C VAL A 245 17.59 -15.60 -13.89
N ARG A 246 18.72 -15.69 -13.15
CA ARG A 246 20.01 -15.11 -13.50
C ARG A 246 20.45 -15.62 -14.85
N ALA A 247 20.38 -16.94 -15.10
CA ALA A 247 20.73 -17.51 -16.40
C ALA A 247 19.77 -17.01 -17.47
N TYR A 248 18.46 -16.92 -17.15
CA TYR A 248 17.46 -16.47 -18.11
C TYR A 248 17.73 -15.02 -18.57
N ILE A 249 18.03 -14.09 -17.63
CA ILE A 249 18.34 -12.69 -17.94
C ILE A 249 19.65 -12.61 -18.79
N GLN A 250 20.66 -13.45 -18.47
CA GLN A 250 21.94 -13.51 -19.20
C GLN A 250 21.77 -14.08 -20.60
N SER A 251 20.73 -14.92 -20.80
CA SER A 251 20.42 -15.57 -22.10
C SER A 251 19.79 -14.61 -23.12
N LEU A 252 19.43 -13.39 -22.68
CA LEU A 252 18.78 -12.41 -23.53
C LEU A 252 19.73 -11.46 -24.21
N PRO A 253 19.43 -11.06 -25.48
CA PRO A 253 20.27 -10.05 -26.15
C PRO A 253 20.18 -8.72 -25.39
N PRO A 254 21.22 -7.85 -25.44
CA PRO A 254 21.14 -6.58 -24.68
C PRO A 254 20.02 -5.68 -25.18
N ARG A 255 19.38 -4.94 -24.28
N ARG A 255 19.42 -4.93 -24.27
CA ARG A 255 18.33 -4.00 -24.65
CA ARG A 255 18.33 -4.01 -24.58
C ARG A 255 18.56 -2.69 -23.93
C ARG A 255 18.61 -2.68 -23.92
N GLN A 256 18.53 -1.59 -24.69
CA GLN A 256 18.71 -0.26 -24.13
C GLN A 256 17.36 0.22 -23.57
N PRO A 257 17.32 1.07 -22.52
CA PRO A 257 15.99 1.52 -22.01
C PRO A 257 15.23 2.30 -23.08
N VAL A 258 13.91 2.25 -23.04
CA VAL A 258 13.04 2.98 -23.96
C VAL A 258 12.74 4.33 -23.28
N PRO A 259 12.96 5.50 -23.96
CA PRO A 259 12.61 6.79 -23.31
C PRO A 259 11.13 6.80 -22.90
N TRP A 260 10.79 7.49 -21.79
CA TRP A 260 9.40 7.51 -21.33
C TRP A 260 8.51 8.27 -22.30
N GLU A 261 9.11 9.15 -23.11
CA GLU A 261 8.47 9.95 -24.15
C GLU A 261 7.92 9.05 -25.26
N THR A 262 8.60 7.89 -25.50
CA THR A 262 8.18 6.89 -26.47
C THR A 262 7.05 6.04 -25.89
N VAL A 263 7.11 5.75 -24.57
CA VAL A 263 6.12 4.94 -23.83
C VAL A 263 4.76 5.67 -23.74
N TYR A 264 4.82 6.98 -23.40
CA TYR A 264 3.68 7.86 -23.21
C TYR A 264 3.84 9.06 -24.15
N PRO A 265 3.47 8.92 -25.45
CA PRO A 265 3.71 10.04 -26.39
C PRO A 265 2.88 11.27 -26.10
N GLY A 266 3.55 12.43 -26.10
CA GLY A 266 2.93 13.71 -25.80
C GLY A 266 2.55 13.93 -24.34
N ALA A 267 2.93 13.01 -23.42
CA ALA A 267 2.62 13.19 -21.99
C ALA A 267 3.47 14.31 -21.42
N ASP A 268 2.95 15.02 -20.40
CA ASP A 268 3.63 16.12 -19.74
C ASP A 268 5.10 15.79 -19.42
N ARG A 269 6.00 16.71 -19.75
CA ARG A 269 7.45 16.61 -19.56
C ARG A 269 7.89 16.44 -18.11
N GLN A 270 7.27 17.20 -17.19
CA GLN A 270 7.64 17.09 -15.78
C GLN A 270 7.07 15.82 -15.16
N ALA A 271 5.91 15.37 -15.66
CA ALA A 271 5.32 14.10 -15.26
C ALA A 271 6.31 12.99 -15.63
N LEU A 272 6.82 12.98 -16.89
CA LEU A 272 7.75 11.94 -17.35
C LEU A 272 9.13 12.03 -16.64
N SER A 273 9.57 13.24 -16.31
CA SER A 273 10.80 13.45 -15.54
C SER A 273 10.69 12.72 -14.19
N LEU A 274 9.57 12.93 -13.45
CA LEU A 274 9.35 12.33 -12.14
C LEU A 274 9.21 10.83 -12.24
N LEU A 275 8.38 10.36 -13.19
CA LEU A 275 8.20 8.94 -13.47
C LEU A 275 9.56 8.18 -13.63
N GLY A 276 10.48 8.72 -14.42
CA GLY A 276 11.81 8.12 -14.61
C GLY A 276 12.67 8.03 -13.37
N ARG A 277 12.41 8.88 -12.34
N ARG A 277 12.38 8.86 -12.36
CA ARG A 277 13.14 8.87 -11.08
CA ARG A 277 13.12 8.88 -11.09
C ARG A 277 12.64 7.76 -10.13
C ARG A 277 12.60 7.82 -10.11
N MET A 278 11.45 7.20 -10.43
CA MET A 278 10.79 6.15 -9.64
C MET A 278 11.04 4.77 -10.23
N LEU A 279 10.97 4.66 -11.56
CA LEU A 279 11.08 3.38 -12.23
C LEU A 279 12.52 3.06 -12.65
N ARG A 280 13.29 2.57 -11.66
CA ARG A 280 14.70 2.18 -11.75
C ARG A 280 14.89 0.76 -11.16
N PHE A 281 15.67 -0.10 -11.82
CA PHE A 281 15.93 -1.46 -11.31
C PHE A 281 16.55 -1.39 -9.92
N GLU A 282 17.55 -0.49 -9.75
CA GLU A 282 18.29 -0.28 -8.50
C GLU A 282 17.42 0.44 -7.46
N PRO A 283 17.07 -0.20 -6.33
CA PRO A 283 16.25 0.49 -5.32
C PRO A 283 16.81 1.84 -4.84
N SER A 284 18.14 1.94 -4.64
CA SER A 284 18.82 3.14 -4.15
C SER A 284 18.89 4.28 -5.19
N ALA A 285 18.70 3.95 -6.48
CA ALA A 285 18.67 4.88 -7.59
C ALA A 285 17.34 5.61 -7.64
N ARG A 286 16.31 5.07 -6.96
CA ARG A 286 14.99 5.67 -6.98
C ARG A 286 14.88 6.91 -6.10
N ILE A 287 14.00 7.83 -6.48
CA ILE A 287 13.69 9.01 -5.69
C ILE A 287 12.89 8.54 -4.46
N SER A 288 13.09 9.17 -3.31
CA SER A 288 12.34 8.89 -2.08
C SER A 288 11.03 9.64 -2.24
N ALA A 289 10.01 9.33 -1.39
CA ALA A 289 8.72 10.04 -1.40
C ALA A 289 8.93 11.51 -1.04
N ALA A 290 9.83 11.80 -0.09
CA ALA A 290 10.07 13.18 0.33
C ALA A 290 10.68 14.03 -0.78
N ALA A 291 11.68 13.48 -1.53
CA ALA A 291 12.30 14.22 -2.61
C ALA A 291 11.32 14.38 -3.79
N ALA A 292 10.42 13.42 -4.00
CA ALA A 292 9.40 13.47 -5.07
C ALA A 292 8.42 14.61 -4.86
N LEU A 293 8.04 14.90 -3.59
CA LEU A 293 7.18 16.03 -3.21
C LEU A 293 7.85 17.36 -3.54
N ARG A 294 9.21 17.37 -3.64
CA ARG A 294 10.03 18.54 -3.98
C ARG A 294 10.19 18.73 -5.49
N HIS A 295 9.82 17.72 -6.31
CA HIS A 295 9.91 17.74 -7.78
C HIS A 295 9.00 18.82 -8.39
N PRO A 296 9.45 19.57 -9.44
CA PRO A 296 8.56 20.60 -10.04
C PRO A 296 7.16 20.14 -10.44
N PHE A 297 6.95 18.83 -10.72
CA PHE A 297 5.64 18.32 -11.12
C PHE A 297 4.57 18.51 -10.04
N LEU A 298 4.97 18.50 -8.74
CA LEU A 298 4.05 18.65 -7.61
C LEU A 298 4.14 20.01 -6.93
N ALA A 299 4.89 20.93 -7.51
CA ALA A 299 5.07 22.31 -6.99
C ALA A 299 3.78 23.04 -6.63
N LYS A 300 2.68 22.76 -7.36
CA LYS A 300 1.33 23.34 -7.27
C LYS A 300 0.74 23.12 -5.87
N TYR A 301 0.90 21.89 -5.35
CA TYR A 301 0.40 21.47 -4.05
C TYR A 301 1.45 21.45 -2.93
N HIS A 302 2.73 21.29 -3.28
CA HIS A 302 3.80 21.17 -2.34
C HIS A 302 3.89 22.33 -1.33
N ASP A 303 3.81 21.97 -0.05
CA ASP A 303 3.97 22.87 1.07
C ASP A 303 4.71 22.06 2.10
N PRO A 304 6.04 22.26 2.24
CA PRO A 304 6.81 21.48 3.23
C PRO A 304 6.26 21.51 4.66
N ASP A 305 5.71 22.66 5.07
CA ASP A 305 5.11 22.86 6.39
C ASP A 305 3.76 22.09 6.57
N ASP A 306 3.16 21.64 5.47
CA ASP A 306 1.90 20.91 5.54
C ASP A 306 2.08 19.42 5.17
N GLU A 307 3.34 18.91 5.16
CA GLU A 307 3.61 17.50 4.80
C GLU A 307 4.43 16.86 5.90
N PRO A 308 3.78 16.45 7.01
CA PRO A 308 4.54 15.96 8.16
C PRO A 308 5.20 14.60 8.03
N ASP A 309 6.20 14.38 8.88
CA ASP A 309 6.87 13.10 9.10
C ASP A 309 6.13 12.45 10.29
N CYS A 310 6.43 11.20 10.60
CA CYS A 310 5.82 10.48 11.71
C CYS A 310 6.89 10.15 12.76
N ALA A 311 6.66 10.61 13.98
CA ALA A 311 7.52 10.34 15.14
C ALA A 311 6.60 9.79 16.27
N PRO A 312 6.97 8.69 16.96
CA PRO A 312 8.19 7.89 16.80
C PRO A 312 8.05 6.90 15.66
N PRO A 313 9.13 6.17 15.29
CA PRO A 313 8.99 5.12 14.26
C PRO A 313 8.10 3.99 14.76
N PHE A 314 7.64 3.15 13.84
CA PHE A 314 6.77 2.07 14.18
C PHE A 314 7.62 0.83 14.38
N ASP A 315 7.33 0.06 15.43
CA ASP A 315 8.11 -1.14 15.71
C ASP A 315 7.33 -2.44 15.41
N PHE A 316 7.89 -3.24 14.50
CA PHE A 316 7.33 -4.51 14.07
C PHE A 316 7.70 -5.73 14.93
N ALA A 317 8.30 -5.54 16.13
CA ALA A 317 8.74 -6.63 17.03
C ALA A 317 7.62 -7.60 17.38
N PHE A 318 6.43 -7.08 17.78
CA PHE A 318 5.21 -7.83 18.11
C PHE A 318 4.88 -8.89 17.05
N ASP A 319 5.18 -8.57 15.78
CA ASP A 319 4.88 -9.38 14.60
C ASP A 319 5.89 -10.48 14.34
N ARG A 320 7.13 -10.34 14.85
CA ARG A 320 8.19 -11.32 14.66
C ARG A 320 8.09 -12.47 15.66
N GLU A 321 7.26 -12.26 16.71
CA GLU A 321 6.97 -13.22 17.80
C GLU A 321 6.16 -14.41 17.32
N ALA A 322 6.51 -15.62 17.74
CA ALA A 322 5.71 -16.80 17.39
C ALA A 322 4.58 -16.87 18.41
N LEU A 323 3.43 -16.38 18.02
CA LEU A 323 2.27 -16.32 18.91
C LEU A 323 1.25 -17.31 18.45
N THR A 324 0.60 -17.98 19.42
CA THR A 324 -0.52 -18.89 19.15
C THR A 324 -1.74 -18.01 18.84
N ARG A 325 -2.80 -18.63 18.26
CA ARG A 325 -4.06 -17.98 17.93
C ARG A 325 -4.67 -17.30 19.15
N GLU A 326 -4.62 -17.97 20.31
CA GLU A 326 -5.09 -17.47 21.60
C GLU A 326 -4.30 -16.22 22.04
N ARG A 327 -2.95 -16.27 21.94
CA ARG A 327 -2.08 -15.13 22.27
C ARG A 327 -2.33 -13.94 21.35
N ILE A 328 -2.64 -14.19 20.08
CA ILE A 328 -2.94 -13.12 19.10
C ILE A 328 -4.31 -12.47 19.46
N LYS A 329 -5.32 -13.31 19.76
CA LYS A 329 -6.64 -12.90 20.19
C LYS A 329 -6.47 -11.97 21.38
N GLU A 330 -5.67 -12.37 22.39
CA GLU A 330 -5.36 -11.61 23.60
C GLU A 330 -4.76 -10.26 23.24
N ALA A 331 -3.79 -10.24 22.30
CA ALA A 331 -3.14 -8.99 21.84
C ALA A 331 -4.12 -8.07 21.08
N ILE A 332 -5.10 -8.65 20.33
CA ILE A 332 -6.12 -7.88 19.58
C ILE A 332 -7.10 -7.24 20.56
N VAL A 333 -7.54 -8.02 21.56
CA VAL A 333 -8.46 -7.57 22.61
C VAL A 333 -7.80 -6.43 23.41
N ALA A 334 -6.49 -6.55 23.68
CA ALA A 334 -5.72 -5.52 24.36
C ALA A 334 -5.58 -4.28 23.46
N GLU A 335 -5.56 -4.43 22.11
CA GLU A 335 -5.56 -3.24 21.22
C GLU A 335 -6.90 -2.50 21.30
N ILE A 336 -8.02 -3.25 21.34
CA ILE A 336 -9.34 -2.66 21.44
C ILE A 336 -9.42 -1.84 22.72
N GLU A 337 -9.02 -2.46 23.85
CA GLU A 337 -9.02 -1.82 25.17
C GLU A 337 -8.18 -0.55 25.20
N ASP A 338 -6.96 -0.59 24.63
CA ASP A 338 -6.04 0.53 24.55
C ASP A 338 -6.64 1.65 23.74
N PHE A 339 -7.21 1.34 22.56
CA PHE A 339 -7.86 2.30 21.68
C PHE A 339 -8.91 3.12 22.47
N HIS A 340 -9.70 2.45 23.35
CA HIS A 340 -10.75 3.04 24.20
C HIS A 340 -10.21 3.77 25.42
N ALA A 341 -9.13 3.25 26.03
CA ALA A 341 -8.45 3.86 27.18
C ALA A 341 -7.62 5.09 26.78
N ARG A 342 -7.42 5.30 25.47
CA ARG A 342 -6.68 6.46 24.97
C ARG A 342 -7.63 7.60 24.56
N ARG A 343 -8.91 7.28 24.34
CA ARG A 343 -9.95 8.26 24.02
C ARG A 343 -10.43 8.89 25.34
N GLU A 344 -10.99 8.07 26.26
CA GLU A 344 -11.47 8.51 27.57
C GLU A 344 -10.41 8.26 28.64
#